data_6NKP
#
_entry.id   6NKP
#
_cell.length_a   60.916
_cell.length_b   67.094
_cell.length_c   93.111
_cell.angle_alpha   90.00
_cell.angle_beta   90.00
_cell.angle_gamma   90.00
#
_symmetry.space_group_name_H-M   'P 21 21 21'
#
loop_
_entity.id
_entity.type
_entity.pdbx_description
1 polymer 'Ephrin type-A receptor 2'
2 polymer 'bA-WLA-YSKbio peptide'
3 non-polymer BIOTIN
4 water water
#
loop_
_entity_poly.entity_id
_entity_poly.type
_entity_poly.pdbx_seq_one_letter_code
_entity_poly.pdbx_strand_id
1 'polypeptide(L)'
;MASQGPGEVVLLDFAAAGGELGWLTHPYGKGWDLMQNIMNDMPIYMYSVCNVMSGDQDNWLRTNWVYRGEAERIFIELKF
TVRDCNSFPGGASSCKETFNLYYAESDLDYGTNFQKRLFTKIDTIAPDEITVSSDFEARHVKLNVEERSVGPLTRKGFYL
AFQDIGACVALLSVRVYYKKAHHHHHH
;
A,B
2 'polypeptide(L)' (BAL)WLAYPDSVPYSK C,D
#
loop_
_chem_comp.id
_chem_comp.type
_chem_comp.name
_chem_comp.formula
BAL peptide-like BETA-ALANINE 'C3 H7 N O2'
BTN non-polymer BIOTIN 'C10 H16 N2 O3 S'
#
# COMPACT_ATOMS: atom_id res chain seq x y z
N PRO A 6 30.67 2.14 -7.13
CA PRO A 6 31.51 1.68 -6.01
C PRO A 6 31.03 2.28 -4.69
N GLY A 7 31.07 3.60 -4.59
CA GLY A 7 30.71 4.34 -3.40
C GLY A 7 29.22 4.61 -3.28
N GLU A 8 28.42 4.11 -4.21
CA GLU A 8 26.98 4.32 -4.19
C GLU A 8 26.34 3.26 -3.30
N VAL A 9 25.28 3.66 -2.61
CA VAL A 9 24.43 2.77 -1.82
C VAL A 9 23.02 2.87 -2.37
N VAL A 10 22.46 1.75 -2.84
CA VAL A 10 21.15 1.77 -3.50
C VAL A 10 20.03 1.59 -2.47
N LEU A 11 19.05 2.50 -2.54
CA LEU A 11 17.91 2.51 -1.64
C LEU A 11 16.62 2.00 -2.30
N LEU A 12 16.49 2.15 -3.61
CA LEU A 12 15.33 1.67 -4.37
C LEU A 12 15.81 1.30 -5.76
N ASP A 13 15.33 0.15 -6.28
CA ASP A 13 15.70 -0.29 -7.64
C ASP A 13 14.53 -1.07 -8.23
N PHE A 14 13.72 -0.41 -9.04
CA PHE A 14 12.50 -1.02 -9.57
C PHE A 14 12.82 -2.25 -10.43
N ALA A 15 13.77 -2.11 -11.37
CA ALA A 15 14.04 -3.21 -12.30
C ALA A 15 14.65 -4.41 -11.59
N ALA A 16 15.39 -4.18 -10.50
CA ALA A 16 16.00 -5.29 -9.78
C ALA A 16 14.97 -6.10 -9.02
N ALA A 17 13.81 -5.50 -8.77
CA ALA A 17 12.76 -6.17 -8.01
C ALA A 17 12.04 -7.24 -8.82
N GLY A 18 12.17 -7.22 -10.15
CA GLY A 18 11.60 -8.29 -10.94
C GLY A 18 10.10 -8.41 -10.84
N GLY A 19 9.41 -7.27 -10.90
CA GLY A 19 7.95 -7.20 -10.88
C GLY A 19 7.29 -7.34 -9.53
N GLU A 20 8.04 -7.27 -8.41
CA GLU A 20 7.53 -7.56 -7.08
C GLU A 20 7.16 -6.29 -6.29
N LEU A 21 7.60 -5.11 -6.72
CA LEU A 21 7.19 -3.87 -6.10
C LEU A 21 5.83 -3.47 -6.61
N GLY A 22 4.93 -3.20 -5.67
CA GLY A 22 3.62 -2.70 -5.95
C GLY A 22 3.56 -1.21 -5.66
N TRP A 23 3.47 -0.42 -6.71
CA TRP A 23 3.37 1.03 -6.53
C TRP A 23 1.91 1.42 -6.61
N LEU A 24 1.56 2.40 -5.79
CA LEU A 24 0.18 2.82 -5.62
C LEU A 24 -0.21 3.73 -6.78
N THR A 25 -1.42 3.57 -7.33
CA THR A 25 -1.88 4.42 -8.41
C THR A 25 -3.17 5.13 -8.02
N HIS A 26 -3.32 6.35 -8.50
CA HIS A 26 -4.50 7.10 -8.20
C HIS A 26 -4.78 7.95 -9.44
N PRO A 27 -6.01 7.95 -9.99
CA PRO A 27 -7.19 7.20 -9.53
C PRO A 27 -6.99 5.71 -9.78
N TYR A 28 -7.55 4.85 -8.93
CA TYR A 28 -7.25 3.44 -9.00
C TYR A 28 -7.86 2.82 -10.27
N GLY A 29 -7.01 2.15 -11.05
CA GLY A 29 -7.47 1.40 -12.21
C GLY A 29 -7.65 2.18 -13.49
N LYS A 30 -7.32 3.48 -13.52
CA LYS A 30 -7.58 4.29 -14.70
C LYS A 30 -6.33 4.85 -15.41
N GLY A 31 -5.14 4.74 -14.83
CA GLY A 31 -3.96 5.33 -15.43
C GLY A 31 -2.76 4.43 -15.55
N TRP A 32 -1.76 4.68 -14.72
CA TRP A 32 -0.57 3.84 -14.74
C TRP A 32 -0.92 2.37 -14.47
N ASP A 33 -0.22 1.48 -15.14
CA ASP A 33 -0.44 0.03 -15.04
C ASP A 33 0.91 -0.68 -15.07
N LEU A 34 1.05 -1.75 -14.27
CA LEU A 34 2.25 -2.57 -14.27
C LEU A 34 2.17 -3.53 -15.45
N MET A 35 3.17 -3.46 -16.34
CA MET A 35 3.17 -4.25 -17.56
C MET A 35 4.42 -5.12 -17.62
N GLN A 36 4.35 -6.16 -18.47
CA GLN A 36 5.50 -7.00 -18.73
C GLN A 36 5.65 -7.20 -20.23
N ASN A 37 6.92 -7.38 -20.64
CA ASN A 37 7.27 -7.76 -21.99
C ASN A 37 8.14 -9.00 -21.94
N ILE A 38 7.82 -10.02 -22.76
CA ILE A 38 8.54 -11.30 -22.70
C ILE A 38 9.14 -11.72 -24.05
N MET A 39 9.62 -10.77 -24.85
CA MET A 39 10.21 -11.07 -26.16
C MET A 39 11.71 -11.39 -26.10
N ASN A 40 12.35 -11.21 -24.94
CA ASN A 40 13.74 -11.56 -24.70
C ASN A 40 13.79 -12.76 -23.76
N ASP A 41 15.01 -13.25 -23.48
CA ASP A 41 15.16 -14.35 -22.52
C ASP A 41 14.55 -13.98 -21.18
N MET A 42 14.81 -12.76 -20.72
CA MET A 42 14.37 -12.18 -19.47
C MET A 42 13.06 -11.43 -19.68
N PRO A 43 12.11 -11.56 -18.75
CA PRO A 43 10.96 -10.67 -18.75
C PRO A 43 11.38 -9.24 -18.41
N ILE A 44 10.67 -8.27 -18.97
CA ILE A 44 10.90 -6.85 -18.72
C ILE A 44 9.65 -6.31 -18.05
N TYR A 45 9.80 -5.58 -16.94
CA TYR A 45 8.64 -4.96 -16.32
C TYR A 45 8.70 -3.45 -16.48
N MET A 46 7.53 -2.83 -16.39
CA MET A 46 7.44 -1.38 -16.52
C MET A 46 6.12 -0.91 -15.90
N TYR A 47 6.12 0.36 -15.52
CA TYR A 47 4.89 1.11 -15.26
C TYR A 47 4.63 2.02 -16.46
N SER A 48 3.50 1.79 -17.11
CA SER A 48 3.13 2.46 -18.36
C SER A 48 1.80 3.18 -18.20
N VAL A 49 1.65 4.27 -18.93
CA VAL A 49 0.35 4.92 -19.13
C VAL A 49 0.35 5.50 -20.54
N CYS A 50 -0.79 5.43 -21.21
CA CYS A 50 -0.88 5.95 -22.59
C CYS A 50 -2.31 6.36 -22.92
N ASN A 51 -2.92 7.24 -22.09
CA ASN A 51 -4.27 7.75 -22.34
C ASN A 51 -4.24 9.08 -23.09
N VAL A 52 -3.66 9.05 -24.31
CA VAL A 52 -3.35 10.28 -25.03
C VAL A 52 -4.54 10.93 -25.74
N MET A 53 -5.57 10.18 -26.11
CA MET A 53 -6.70 10.79 -26.84
C MET A 53 -7.99 10.63 -26.06
N SER A 54 -7.88 10.65 -24.74
CA SER A 54 -8.94 10.21 -23.85
C SER A 54 -9.37 11.28 -22.87
N GLY A 55 -9.34 12.57 -23.28
CA GLY A 55 -9.69 13.63 -22.36
C GLY A 55 -8.56 13.93 -21.40
N ASP A 56 -8.76 14.97 -20.59
CA ASP A 56 -7.74 15.39 -19.63
C ASP A 56 -7.34 14.30 -18.66
N GLN A 57 -6.02 14.19 -18.43
CA GLN A 57 -5.40 13.17 -17.58
C GLN A 57 -4.67 13.80 -16.39
N ASP A 58 -4.80 13.16 -15.24
CA ASP A 58 -4.03 13.51 -14.04
C ASP A 58 -3.84 12.21 -13.25
N ASN A 59 -2.90 11.40 -13.69
CA ASN A 59 -2.67 10.05 -13.20
C ASN A 59 -1.40 10.03 -12.39
N TRP A 60 -1.50 9.53 -11.16
CA TRP A 60 -0.39 9.51 -10.21
C TRP A 60 0.04 8.08 -9.93
N LEU A 61 1.36 7.90 -9.77
CA LEU A 61 2.01 6.66 -9.38
C LEU A 61 2.98 6.97 -8.22
N ARG A 62 2.81 6.31 -7.09
CA ARG A 62 3.67 6.57 -5.94
C ARG A 62 4.42 5.29 -5.58
N THR A 63 5.72 5.44 -5.30
CA THR A 63 6.50 4.30 -4.91
C THR A 63 6.09 3.79 -3.54
N ASN A 64 6.63 2.61 -3.22
CA ASN A 64 6.70 2.14 -1.87
C ASN A 64 7.50 3.14 -1.00
N TRP A 65 7.39 2.97 0.31
CA TRP A 65 8.15 3.77 1.27
C TRP A 65 9.60 3.29 1.28
N VAL A 66 10.53 4.22 1.30
CA VAL A 66 11.95 3.90 1.31
C VAL A 66 12.59 4.50 2.57
N TYR A 67 13.19 3.64 3.40
CA TYR A 67 13.96 4.07 4.57
C TYR A 67 15.27 4.69 4.14
N ARG A 68 15.53 5.91 4.58
CA ARG A 68 16.68 6.63 4.03
C ARG A 68 17.97 6.31 4.77
N GLY A 69 17.87 5.89 6.03
CA GLY A 69 19.05 5.55 6.77
C GLY A 69 19.96 6.75 6.90
N GLU A 70 21.20 6.55 6.46
CA GLU A 70 22.24 7.56 6.55
C GLU A 70 22.15 8.59 5.43
N ALA A 71 21.35 8.36 4.40
CA ALA A 71 21.33 9.26 3.25
C ALA A 71 20.90 10.68 3.67
N GLU A 72 21.65 11.66 3.22
CA GLU A 72 21.27 13.06 3.31
C GLU A 72 20.80 13.62 1.98
N ARG A 73 21.52 13.29 0.90
CA ARG A 73 21.11 13.65 -0.46
C ARG A 73 20.89 12.36 -1.25
N ILE A 74 19.73 12.22 -1.92
CA ILE A 74 19.49 11.05 -2.76
C ILE A 74 19.60 11.46 -4.22
N PHE A 75 20.05 10.52 -5.05
CA PHE A 75 20.10 10.71 -6.50
C PHE A 75 19.11 9.76 -7.13
N ILE A 76 18.29 10.27 -8.04
CA ILE A 76 17.19 9.55 -8.64
C ILE A 76 17.47 9.40 -10.11
N GLU A 77 17.60 8.17 -10.57
CA GLU A 77 17.89 7.82 -11.95
C GLU A 77 16.69 7.12 -12.57
N LEU A 78 16.16 7.70 -13.65
CA LEU A 78 15.00 7.20 -14.38
C LEU A 78 15.40 6.73 -15.78
N LYS A 79 14.88 5.58 -16.21
CA LYS A 79 15.00 5.16 -17.60
C LYS A 79 13.61 4.92 -18.14
N PHE A 80 13.32 5.52 -19.29
CA PHE A 80 11.93 5.60 -19.74
C PHE A 80 11.86 5.89 -21.24
N THR A 81 10.71 5.53 -21.83
CA THR A 81 10.39 5.83 -23.22
C THR A 81 9.15 6.72 -23.25
N VAL A 82 9.07 7.53 -24.30
CA VAL A 82 7.96 8.42 -24.59
C VAL A 82 7.68 8.33 -26.08
N ARG A 83 6.44 8.02 -26.46
CA ARG A 83 6.11 7.95 -27.88
C ARG A 83 5.79 9.33 -28.43
N ASP A 84 6.19 9.55 -29.67
CA ASP A 84 5.87 10.75 -30.45
C ASP A 84 4.36 11.00 -30.49
N CYS A 85 3.95 12.21 -30.09
CA CYS A 85 2.53 12.53 -30.13
C CYS A 85 1.98 12.47 -31.56
N ASN A 86 2.87 12.60 -32.56
CA ASN A 86 2.46 12.50 -33.95
C ASN A 86 2.12 11.07 -34.34
N SER A 87 2.37 10.10 -33.45
CA SER A 87 1.92 8.74 -33.72
C SER A 87 0.42 8.60 -33.61
N PHE A 88 -0.26 9.56 -32.98
CA PHE A 88 -1.69 9.42 -32.70
C PHE A 88 -2.50 10.42 -33.49
N PRO A 89 -3.26 10.00 -34.51
CA PRO A 89 -3.95 10.96 -35.39
C PRO A 89 -4.92 11.86 -34.64
N GLY A 90 -4.86 13.16 -34.97
CA GLY A 90 -5.73 14.16 -34.40
C GLY A 90 -5.42 14.56 -32.96
N GLY A 91 -4.36 14.01 -32.36
CA GLY A 91 -4.03 14.32 -30.98
C GLY A 91 -3.03 15.45 -30.80
N ALA A 92 -2.99 16.41 -31.72
CA ALA A 92 -2.02 17.47 -31.54
C ALA A 92 -2.43 18.48 -30.46
N SER A 93 -3.53 18.23 -29.77
CA SER A 93 -4.05 19.12 -28.74
C SER A 93 -3.97 18.52 -27.34
N SER A 94 -4.33 17.26 -27.19
CA SER A 94 -4.40 16.65 -25.88
C SER A 94 -3.23 15.72 -25.60
N CYS A 95 -2.24 15.63 -26.47
CA CYS A 95 -1.12 14.72 -26.29
C CYS A 95 0.09 15.51 -25.81
N LYS A 96 0.80 14.91 -24.86
CA LYS A 96 1.94 15.47 -24.17
C LYS A 96 3.11 14.50 -24.32
N GLU A 97 4.32 15.00 -24.08
CA GLU A 97 5.52 14.19 -24.18
C GLU A 97 6.39 14.35 -22.94
N THR A 98 5.82 14.86 -21.85
CA THR A 98 6.52 14.99 -20.57
C THR A 98 5.65 14.41 -19.47
N PHE A 99 6.30 14.21 -18.32
CA PHE A 99 5.63 13.84 -17.08
C PHE A 99 6.40 14.49 -15.94
N ASN A 100 5.81 14.46 -14.74
CA ASN A 100 6.36 15.23 -13.61
C ASN A 100 6.81 14.32 -12.47
N LEU A 101 7.95 14.64 -11.87
CA LEU A 101 8.54 13.88 -10.80
C LEU A 101 8.40 14.65 -9.49
N TYR A 102 7.94 13.96 -8.45
CA TYR A 102 7.70 14.51 -7.12
C TYR A 102 8.33 13.62 -6.03
N TYR A 103 8.41 14.16 -4.80
CA TYR A 103 8.73 13.32 -3.65
C TYR A 103 8.03 13.81 -2.39
N ALA A 104 8.02 12.94 -1.37
CA ALA A 104 7.52 13.29 -0.05
C ALA A 104 8.33 12.54 1.03
N GLU A 105 8.60 13.22 2.15
CA GLU A 105 9.25 12.61 3.29
C GLU A 105 8.21 12.33 4.36
N SER A 106 8.44 11.25 5.13
CA SER A 106 7.58 10.88 6.24
C SER A 106 8.36 10.01 7.22
N ASP A 107 7.96 10.07 8.50
CA ASP A 107 8.59 9.25 9.51
C ASP A 107 7.97 7.88 9.62
N LEU A 108 6.82 7.66 8.97
CA LEU A 108 6.13 6.39 8.97
C LEU A 108 5.63 6.13 7.57
N ASP A 109 5.42 4.86 7.25
CA ASP A 109 4.78 4.49 6.00
C ASP A 109 3.27 4.71 6.15
N TYR A 110 2.71 5.61 5.33
CA TYR A 110 1.26 5.81 5.33
C TYR A 110 0.49 4.78 4.49
N GLY A 111 1.15 3.86 3.82
CA GLY A 111 0.42 2.74 3.24
C GLY A 111 -0.36 3.20 2.04
N THR A 112 -1.64 2.88 2.04
CA THR A 112 -2.47 3.25 0.90
C THR A 112 -3.00 4.70 0.99
N ASN A 113 -2.73 5.40 2.08
CA ASN A 113 -3.14 6.79 2.20
C ASN A 113 -2.18 7.64 1.38
N PHE A 114 -2.64 8.11 0.25
CA PHE A 114 -1.87 8.97 -0.63
C PHE A 114 -2.49 10.36 -0.63
N GLN A 115 -1.75 11.35 -0.18
CA GLN A 115 -2.23 12.73 -0.24
C GLN A 115 -1.27 13.52 -1.12
N LYS A 116 -1.66 13.75 -2.37
CA LYS A 116 -0.76 14.39 -3.31
C LYS A 116 -0.35 15.77 -2.82
N ARG A 117 -1.12 16.35 -1.89
CA ARG A 117 -0.84 17.69 -1.39
C ARG A 117 0.44 17.76 -0.55
N LEU A 118 0.90 16.65 -0.01
CA LEU A 118 2.13 16.60 0.77
C LEU A 118 3.39 16.44 -0.09
N PHE A 119 3.25 16.28 -1.40
CA PHE A 119 4.36 15.99 -2.29
C PHE A 119 4.94 17.26 -2.91
N THR A 120 6.28 17.33 -2.99
CA THR A 120 6.97 18.48 -3.57
C THR A 120 7.50 18.12 -4.96
N LYS A 121 7.31 19.01 -5.93
CA LYS A 121 7.76 18.73 -7.29
C LYS A 121 9.28 18.85 -7.35
N ILE A 122 9.93 17.86 -7.95
CA ILE A 122 11.34 17.91 -8.25
C ILE A 122 11.59 18.54 -9.62
N ASP A 123 10.94 18.02 -10.65
CA ASP A 123 11.15 18.57 -11.99
C ASP A 123 10.10 17.99 -12.92
N THR A 124 9.91 18.67 -14.06
CA THR A 124 9.30 18.10 -15.26
C THR A 124 10.36 17.28 -15.96
N ILE A 125 10.03 16.05 -16.31
CA ILE A 125 10.93 15.14 -17.00
C ILE A 125 10.56 15.14 -18.47
N ALA A 126 11.53 15.49 -19.32
CA ALA A 126 11.34 15.51 -20.76
C ALA A 126 12.26 14.50 -21.42
N PRO A 127 11.79 13.81 -22.47
CA PRO A 127 12.64 12.81 -23.14
C PRO A 127 13.64 13.51 -24.06
N ASP A 128 14.91 13.12 -23.98
CA ASP A 128 15.85 13.57 -25.02
C ASP A 128 15.48 12.99 -26.38
N GLU A 129 14.92 11.78 -26.41
CA GLU A 129 14.58 11.12 -27.67
C GLU A 129 13.20 10.50 -27.54
N ILE A 130 12.28 10.93 -28.41
CA ILE A 130 10.97 10.30 -28.50
C ILE A 130 11.07 9.07 -29.40
N THR A 131 10.21 8.10 -29.14
CA THR A 131 10.09 6.92 -29.97
C THR A 131 9.02 7.17 -31.03
N VAL A 132 9.44 7.24 -32.30
CA VAL A 132 8.51 7.49 -33.39
C VAL A 132 7.88 6.18 -33.87
N SER A 133 6.83 6.29 -34.68
CA SER A 133 5.99 5.15 -35.03
C SER A 133 6.79 4.04 -35.67
N SER A 134 7.68 4.39 -36.61
CA SER A 134 8.45 3.36 -37.30
C SER A 134 9.35 2.62 -36.32
N ASP A 135 9.91 3.32 -35.32
CA ASP A 135 10.64 2.65 -34.25
C ASP A 135 9.72 1.67 -33.53
N PHE A 136 8.64 2.20 -32.96
CA PHE A 136 7.73 1.41 -32.15
C PHE A 136 7.24 0.20 -32.91
N GLU A 137 6.80 0.39 -34.15
CA GLU A 137 6.27 -0.71 -34.96
C GLU A 137 7.34 -1.75 -35.27
N ALA A 138 8.62 -1.36 -35.29
CA ALA A 138 9.72 -2.29 -35.47
C ALA A 138 10.25 -2.86 -34.15
N ARG A 139 9.60 -2.54 -33.02
CA ARG A 139 10.02 -3.00 -31.69
C ARG A 139 11.41 -2.50 -31.30
N HIS A 140 11.70 -1.21 -31.62
N HIS A 140 11.75 -1.34 -31.82
CA HIS A 140 13.03 -0.58 -31.44
CA HIS A 140 12.92 -0.60 -31.38
C HIS A 140 12.90 0.77 -30.69
C HIS A 140 12.33 0.60 -30.65
N VAL A 141 12.67 0.73 -29.37
CA VAL A 141 12.40 1.95 -28.63
C VAL A 141 13.68 2.77 -28.39
N LYS A 142 13.48 4.06 -28.11
CA LYS A 142 14.54 4.96 -27.65
C LYS A 142 14.41 5.11 -26.14
N LEU A 143 15.37 4.56 -25.42
CA LEU A 143 15.33 4.59 -23.95
C LEU A 143 16.07 5.82 -23.48
N ASN A 144 15.40 6.65 -22.69
CA ASN A 144 15.98 7.87 -22.14
C ASN A 144 16.48 7.61 -20.73
N VAL A 145 17.49 8.39 -20.33
CA VAL A 145 18.06 8.28 -18.98
C VAL A 145 18.13 9.70 -18.43
N GLU A 146 17.49 9.92 -17.30
CA GLU A 146 17.51 11.22 -16.64
C GLU A 146 17.79 11.03 -15.16
N GLU A 147 18.62 11.93 -14.57
CA GLU A 147 18.90 11.88 -13.14
C GLU A 147 18.61 13.24 -12.50
N ARG A 148 18.05 13.19 -11.30
CA ARG A 148 17.82 14.35 -10.45
C ARG A 148 18.27 14.02 -9.03
N SER A 149 18.51 15.04 -8.20
CA SER A 149 18.77 14.80 -6.78
C SER A 149 17.93 15.71 -5.87
N VAL A 150 17.75 15.26 -4.63
CA VAL A 150 17.08 16.08 -3.62
C VAL A 150 17.80 15.94 -2.29
N GLY A 151 17.75 17.01 -1.49
CA GLY A 151 18.25 17.02 -0.13
C GLY A 151 18.44 18.41 0.39
N PRO A 152 18.74 18.55 1.71
CA PRO A 152 18.86 17.50 2.73
C PRO A 152 17.55 16.82 3.15
N LEU A 153 17.57 15.50 3.24
CA LEU A 153 16.46 14.74 3.79
C LEU A 153 16.52 14.76 5.31
N THR A 154 15.37 14.80 5.95
CA THR A 154 15.32 14.92 7.41
C THR A 154 14.31 14.00 8.09
N ARG A 155 13.53 13.21 7.37
CA ARG A 155 12.65 12.28 8.05
C ARG A 155 13.19 10.86 7.89
N LYS A 156 12.46 9.88 8.45
CA LYS A 156 12.96 8.51 8.46
C LYS A 156 12.96 7.90 7.08
N GLY A 157 12.00 8.28 6.22
CA GLY A 157 11.85 7.68 4.92
C GLY A 157 11.19 8.63 3.94
N PHE A 158 10.98 8.16 2.72
CA PHE A 158 10.47 9.02 1.66
C PHE A 158 9.79 8.16 0.61
N TYR A 159 8.97 8.83 -0.22
CA TYR A 159 8.32 8.28 -1.39
C TYR A 159 8.69 9.14 -2.58
N LEU A 160 8.73 8.53 -3.76
CA LEU A 160 8.70 9.30 -5.01
C LEU A 160 7.30 9.16 -5.61
N ALA A 161 6.91 10.14 -6.43
CA ALA A 161 5.69 9.99 -7.20
C ALA A 161 5.88 10.55 -8.61
N PHE A 162 5.10 10.00 -9.54
CA PHE A 162 5.12 10.36 -10.96
C PHE A 162 3.72 10.80 -11.36
N GLN A 163 3.61 11.98 -11.97
CA GLN A 163 2.33 12.47 -12.44
C GLN A 163 2.30 12.46 -13.96
N ASP A 164 1.33 11.78 -14.53
CA ASP A 164 1.12 11.83 -15.99
C ASP A 164 0.01 12.82 -16.30
N ILE A 165 0.27 13.72 -17.23
CA ILE A 165 -0.67 14.74 -17.65
C ILE A 165 -1.26 14.46 -19.03
N GLY A 166 -1.03 13.27 -19.58
CA GLY A 166 -1.56 12.91 -20.89
C GLY A 166 -0.49 12.52 -21.91
N ALA A 167 0.57 11.85 -21.47
CA ALA A 167 1.67 11.37 -22.29
C ALA A 167 1.56 9.85 -22.46
N CYS A 168 2.41 9.29 -23.30
CA CYS A 168 2.46 7.86 -23.60
C CYS A 168 3.86 7.42 -23.16
N VAL A 169 3.97 7.03 -21.88
CA VAL A 169 5.22 6.89 -21.15
C VAL A 169 5.32 5.49 -20.61
N ALA A 170 6.52 4.90 -20.68
CA ALA A 170 6.83 3.64 -20.03
C ALA A 170 8.05 3.85 -19.15
N LEU A 171 7.90 3.60 -17.84
CA LEU A 171 9.01 3.67 -16.88
C LEU A 171 9.61 2.29 -16.70
N LEU A 172 10.83 2.10 -17.16
CA LEU A 172 11.50 0.81 -17.08
C LEU A 172 12.49 0.70 -15.93
N SER A 173 13.03 1.81 -15.41
CA SER A 173 14.01 1.75 -14.35
C SER A 173 13.89 3.00 -13.46
N VAL A 174 13.92 2.79 -12.15
CA VAL A 174 13.87 3.85 -11.15
C VAL A 174 14.87 3.38 -10.10
N ARG A 175 16.00 4.07 -9.99
CA ARG A 175 17.08 3.69 -9.08
C ARG A 175 17.40 4.92 -8.22
N VAL A 176 17.35 4.75 -6.89
CA VAL A 176 17.66 5.81 -5.93
C VAL A 176 18.84 5.37 -5.08
N TYR A 177 19.82 6.25 -4.97
CA TYR A 177 21.04 5.95 -4.21
C TYR A 177 21.56 7.22 -3.54
N TYR A 178 22.46 7.00 -2.61
CA TYR A 178 23.23 8.09 -2.03
C TYR A 178 24.67 7.69 -2.13
N LYS A 179 25.55 8.66 -1.94
CA LYS A 179 26.98 8.45 -2.04
C LYS A 179 27.56 8.39 -0.64
N LYS A 180 28.12 7.24 -0.29
CA LYS A 180 28.77 7.05 1.00
C LYS A 180 30.16 7.67 0.99
N PRO B 6 6.00 3.73 29.63
CA PRO B 6 6.17 2.58 30.53
C PRO B 6 7.46 1.78 30.25
N GLY B 7 8.43 2.41 29.58
CA GLY B 7 9.58 1.70 29.02
C GLY B 7 9.28 1.06 27.69
N GLU B 8 8.06 1.19 27.20
CA GLU B 8 7.65 0.64 25.94
C GLU B 8 8.02 1.62 24.84
N VAL B 9 8.31 1.09 23.66
CA VAL B 9 8.50 1.87 22.46
C VAL B 9 7.46 1.40 21.47
N VAL B 10 6.57 2.30 21.07
CA VAL B 10 5.45 1.94 20.21
C VAL B 10 5.88 2.07 18.77
N LEU B 11 5.64 1.02 17.99
CA LEU B 11 5.98 0.94 16.58
C LEU B 11 4.79 1.16 15.66
N LEU B 12 3.59 0.80 16.09
CA LEU B 12 2.37 0.94 15.31
C LEU B 12 1.22 1.17 16.29
N ASP B 13 0.31 2.11 15.98
CA ASP B 13 -0.83 2.37 16.85
C ASP B 13 -2.02 2.83 15.99
N PHE B 14 -2.95 1.93 15.72
CA PHE B 14 -4.08 2.26 14.84
C PHE B 14 -4.93 3.39 15.42
N ALA B 15 -5.34 3.27 16.68
CA ALA B 15 -6.27 4.26 17.22
C ALA B 15 -5.63 5.64 17.35
N ALA B 16 -4.32 5.71 17.52
CA ALA B 16 -3.68 7.01 17.65
C ALA B 16 -3.56 7.71 16.30
N ALA B 17 -3.70 6.98 15.18
CA ALA B 17 -3.53 7.56 13.84
C ALA B 17 -4.71 8.40 13.39
N GLY B 18 -5.86 8.31 14.05
CA GLY B 18 -7.02 9.11 13.66
C GLY B 18 -7.54 8.83 12.26
N GLY B 19 -7.59 7.55 11.86
CA GLY B 19 -8.11 7.15 10.56
C GLY B 19 -7.19 7.39 9.38
N GLU B 20 -5.91 7.70 9.63
CA GLU B 20 -4.98 8.16 8.60
C GLU B 20 -4.02 7.09 8.09
N LEU B 21 -3.85 5.98 8.80
CA LEU B 21 -3.05 4.89 8.26
C LEU B 21 -3.89 4.20 7.19
N GLY B 22 -3.28 4.00 6.02
CA GLY B 22 -3.95 3.34 4.93
C GLY B 22 -3.51 1.89 4.94
N TRP B 23 -4.41 1.03 5.37
CA TRP B 23 -4.15 -0.39 5.37
C TRP B 23 -4.74 -1.00 4.12
N LEU B 24 -4.06 -2.01 3.63
CA LEU B 24 -4.39 -2.59 2.33
C LEU B 24 -5.44 -3.67 2.52
N THR B 25 -6.46 -3.70 1.66
CA THR B 25 -7.50 -4.73 1.77
C THR B 25 -7.56 -5.56 0.50
N HIS B 26 -7.78 -6.86 0.68
CA HIS B 26 -7.89 -7.77 -0.43
C HIS B 26 -8.93 -8.84 -0.06
N PRO B 27 -9.97 -9.06 -0.88
CA PRO B 27 -10.28 -8.33 -2.12
C PRO B 27 -10.70 -6.90 -1.85
N TYR B 28 -10.40 -6.01 -2.78
CA TYR B 28 -10.61 -4.58 -2.55
C TYR B 28 -12.09 -4.23 -2.62
N GLY B 29 -12.60 -3.65 -1.56
CA GLY B 29 -13.97 -3.21 -1.55
C GLY B 29 -14.99 -4.26 -1.21
N LYS B 30 -14.59 -5.51 -1.00
CA LYS B 30 -15.55 -6.59 -0.77
C LYS B 30 -15.53 -7.15 0.66
N GLY B 31 -14.54 -6.77 1.46
CA GLY B 31 -14.40 -7.34 2.76
C GLY B 31 -14.20 -6.27 3.83
N TRP B 32 -13.01 -6.21 4.41
CA TRP B 32 -12.76 -5.22 5.45
C TRP B 32 -12.93 -3.79 4.93
N ASP B 33 -13.51 -2.94 5.78
CA ASP B 33 -13.81 -1.54 5.44
CA ASP B 33 -13.75 -1.55 5.44
C ASP B 33 -13.45 -0.65 6.62
N LEU B 34 -12.84 0.51 6.35
CA LEU B 34 -12.60 1.50 7.38
C LEU B 34 -13.91 2.22 7.69
N MET B 35 -14.36 2.13 8.94
CA MET B 35 -15.63 2.68 9.37
C MET B 35 -15.39 3.67 10.52
N GLN B 36 -16.42 4.48 10.81
CA GLN B 36 -16.37 5.43 11.91
C GLN B 36 -17.68 5.46 12.68
N ASN B 37 -17.58 5.81 13.96
CA ASN B 37 -18.73 6.11 14.81
C ASN B 37 -18.53 7.53 15.33
N ILE B 38 -19.53 8.40 15.13
CA ILE B 38 -19.41 9.81 15.46
C ILE B 38 -20.55 10.24 16.38
N MET B 39 -20.98 9.33 17.26
CA MET B 39 -22.07 9.61 18.19
C MET B 39 -21.59 10.34 19.45
N ASN B 40 -20.29 10.44 19.67
CA ASN B 40 -19.70 11.20 20.75
C ASN B 40 -18.93 12.37 20.16
N ASP B 41 -18.41 13.23 21.05
CA ASP B 41 -17.59 14.35 20.59
C ASP B 41 -16.39 13.84 19.78
N MET B 42 -15.73 12.76 20.25
CA MET B 42 -14.58 12.24 19.51
C MET B 42 -15.03 11.14 18.53
N PRO B 43 -14.54 11.19 17.28
CA PRO B 43 -14.77 10.07 16.36
C PRO B 43 -14.02 8.84 16.79
N ILE B 44 -14.64 7.69 16.52
CA ILE B 44 -14.06 6.37 16.78
C ILE B 44 -13.89 5.68 15.44
N TYR B 45 -12.68 5.21 15.15
CA TYR B 45 -12.45 4.52 13.90
C TYR B 45 -12.23 3.04 14.19
N MET B 46 -12.42 2.24 13.14
CA MET B 46 -12.30 0.79 13.18
C MET B 46 -12.24 0.24 11.75
N TYR B 47 -11.62 -0.94 11.62
CA TYR B 47 -11.72 -1.76 10.44
C TYR B 47 -12.73 -2.87 10.75
N SER B 48 -13.83 -2.92 9.98
CA SER B 48 -14.94 -3.84 10.22
C SER B 48 -15.13 -4.75 9.02
N VAL B 49 -15.61 -5.97 9.27
CA VAL B 49 -16.11 -6.84 8.22
C VAL B 49 -17.27 -7.65 8.82
N CYS B 50 -18.30 -7.92 8.03
CA CYS B 50 -19.46 -8.62 8.58
C CYS B 50 -20.26 -9.29 7.48
N ASN B 51 -19.59 -10.09 6.65
CA ASN B 51 -20.23 -10.84 5.59
C ASN B 51 -20.66 -12.22 6.12
N VAL B 52 -21.56 -12.19 7.10
CA VAL B 52 -21.89 -13.38 7.88
C VAL B 52 -22.88 -14.31 7.17
N MET B 53 -23.58 -13.86 6.14
CA MET B 53 -24.57 -14.70 5.48
C MET B 53 -24.15 -15.09 4.06
N SER B 54 -22.90 -14.89 3.69
CA SER B 54 -22.52 -14.96 2.28
C SER B 54 -21.82 -16.24 1.92
N GLY B 55 -21.04 -16.78 2.84
CA GLY B 55 -20.25 -17.97 2.59
C GLY B 55 -19.05 -17.59 1.74
N ASP B 56 -18.07 -18.51 1.67
CA ASP B 56 -16.89 -18.37 0.83
C ASP B 56 -16.06 -17.13 1.15
N GLN B 57 -15.98 -16.71 2.41
CA GLN B 57 -15.28 -15.47 2.73
C GLN B 57 -13.83 -15.75 3.02
N ASP B 58 -12.95 -14.94 2.43
CA ASP B 58 -11.50 -15.01 2.64
C ASP B 58 -10.97 -13.58 2.44
N ASN B 59 -11.20 -12.75 3.46
CA ASN B 59 -10.98 -11.30 3.39
C ASN B 59 -9.75 -10.94 4.18
N TRP B 60 -8.82 -10.26 3.53
CA TRP B 60 -7.54 -9.93 4.12
C TRP B 60 -7.39 -8.44 4.32
N LEU B 61 -6.79 -8.08 5.46
CA LEU B 61 -6.43 -6.71 5.85
C LEU B 61 -4.95 -6.69 6.26
N ARG B 62 -4.14 -5.86 5.59
CA ARG B 62 -2.71 -5.80 5.88
C ARG B 62 -2.33 -4.39 6.33
N THR B 63 -1.53 -4.31 7.40
CA THR B 63 -1.06 -3.02 7.87
C THR B 63 -0.08 -2.42 6.87
N ASN B 64 0.20 -1.12 7.09
CA ASN B 64 1.36 -0.47 6.50
C ASN B 64 2.64 -1.18 7.01
N TRP B 65 3.78 -0.89 6.37
CA TRP B 65 5.07 -1.45 6.77
C TRP B 65 5.61 -0.72 8.00
N VAL B 66 6.20 -1.47 8.91
CA VAL B 66 6.78 -0.96 10.14
C VAL B 66 8.28 -1.25 10.13
N TYR B 67 9.10 -0.20 10.20
CA TYR B 67 10.54 -0.38 10.33
C TYR B 67 10.85 -0.82 11.74
N ARG B 68 11.61 -1.91 11.90
CA ARG B 68 11.68 -2.45 13.25
C ARG B 68 12.77 -1.83 14.12
N GLY B 69 13.82 -1.32 13.50
CA GLY B 69 14.89 -0.64 14.23
C GLY B 69 15.54 -1.58 15.23
N GLU B 70 15.58 -1.16 16.50
CA GLU B 70 16.21 -1.94 17.56
C GLU B 70 15.34 -3.07 18.09
N ALA B 71 14.09 -3.15 17.66
CA ALA B 71 13.16 -4.11 18.21
C ALA B 71 13.66 -5.52 17.95
N GLU B 72 13.61 -6.37 18.97
CA GLU B 72 13.86 -7.79 18.80
C GLU B 72 12.54 -8.55 18.91
N ARG B 73 11.97 -8.62 20.11
N ARG B 73 11.97 -8.62 20.11
CA ARG B 73 10.69 -9.24 20.35
CA ARG B 73 10.67 -9.25 20.33
C ARG B 73 9.62 -8.15 20.34
C ARG B 73 9.59 -8.18 20.37
N ILE B 74 8.55 -8.36 19.58
CA ILE B 74 7.44 -7.40 19.52
C ILE B 74 6.21 -7.97 20.20
N PHE B 75 5.37 -7.07 20.69
CA PHE B 75 4.09 -7.38 21.30
C PHE B 75 2.96 -6.75 20.48
N ILE B 76 1.95 -7.55 20.19
CA ILE B 76 0.83 -7.15 19.38
C ILE B 76 -0.38 -7.13 20.30
N GLU B 77 -0.97 -5.95 20.50
CA GLU B 77 -2.15 -5.81 21.32
C GLU B 77 -3.32 -5.44 20.43
N LEU B 78 -4.36 -6.28 20.44
CA LEU B 78 -5.59 -6.05 19.68
C LEU B 78 -6.78 -5.74 20.62
N LYS B 79 -7.59 -4.75 20.26
CA LYS B 79 -8.85 -4.54 20.95
C LYS B 79 -9.94 -4.59 19.89
N PHE B 80 -10.98 -5.39 20.14
CA PHE B 80 -11.89 -5.75 19.05
C PHE B 80 -13.21 -6.28 19.63
N THR B 81 -14.25 -6.25 18.78
CA THR B 81 -15.56 -6.80 19.09
C THR B 81 -15.92 -7.88 18.07
N VAL B 82 -16.72 -8.83 18.51
CA VAL B 82 -17.26 -9.88 17.65
C VAL B 82 -18.74 -10.06 17.96
N ARG B 83 -19.59 -9.93 16.95
CA ARG B 83 -21.00 -10.10 17.17
C ARG B 83 -21.37 -11.57 17.11
N ASP B 84 -22.28 -11.96 18.00
CA ASP B 84 -22.88 -13.28 18.04
C ASP B 84 -23.48 -13.66 16.69
N CYS B 85 -23.12 -14.84 16.19
CA CYS B 85 -23.70 -15.29 14.91
C CYS B 85 -25.22 -15.44 15.01
N ASN B 86 -25.76 -15.69 16.22
CA ASN B 86 -27.19 -15.85 16.42
C ASN B 86 -27.98 -14.54 16.37
N SER B 87 -27.28 -13.42 16.21
CA SER B 87 -27.91 -12.15 15.93
C SER B 87 -28.54 -12.09 14.55
N PHE B 88 -28.11 -12.95 13.64
CA PHE B 88 -28.43 -12.92 12.21
C PHE B 88 -29.31 -14.12 11.81
N PRO B 89 -30.23 -13.98 10.85
CA PRO B 89 -31.22 -15.06 10.59
C PRO B 89 -30.64 -16.41 10.20
N GLY B 90 -29.46 -16.46 9.60
CA GLY B 90 -28.84 -17.72 9.29
C GLY B 90 -28.01 -18.33 10.42
N GLY B 91 -27.96 -17.67 11.58
CA GLY B 91 -27.23 -18.21 12.71
C GLY B 91 -25.78 -18.51 12.33
N ALA B 92 -25.27 -19.58 12.93
CA ALA B 92 -23.91 -20.01 12.68
C ALA B 92 -23.75 -20.79 11.36
N SER B 93 -24.75 -20.82 10.46
CA SER B 93 -24.60 -21.67 9.28
C SER B 93 -23.37 -21.28 8.47
N SER B 94 -23.25 -20.00 8.10
CA SER B 94 -22.09 -19.48 7.36
C SER B 94 -21.29 -18.48 8.16
N CYS B 95 -21.62 -18.32 9.43
CA CYS B 95 -21.01 -17.32 10.28
C CYS B 95 -20.01 -17.96 11.24
N LYS B 96 -18.96 -17.20 11.53
CA LYS B 96 -17.85 -17.58 12.40
C LYS B 96 -17.73 -16.52 13.47
N GLU B 97 -17.04 -16.85 14.57
CA GLU B 97 -16.82 -15.92 15.68
C GLU B 97 -15.33 -15.83 16.01
N THR B 98 -14.45 -16.14 15.03
CA THR B 98 -13.01 -15.97 15.18
C THR B 98 -12.45 -15.29 13.95
N PHE B 99 -11.20 -14.85 14.05
CA PHE B 99 -10.45 -14.42 12.88
C PHE B 99 -8.98 -14.79 13.11
N ASN B 100 -8.17 -14.65 12.07
CA ASN B 100 -6.78 -15.10 12.09
C ASN B 100 -5.80 -13.94 11.97
N LEU B 101 -4.75 -14.03 12.77
CA LEU B 101 -3.71 -13.02 12.85
C LEU B 101 -2.44 -13.60 12.24
N TYR B 102 -1.79 -12.82 11.37
CA TYR B 102 -0.56 -13.19 10.68
C TYR B 102 0.48 -12.07 10.76
N TYR B 103 1.72 -12.39 10.42
CA TYR B 103 2.70 -11.33 10.18
C TYR B 103 3.65 -11.77 9.07
N ALA B 104 4.38 -10.79 8.56
CA ALA B 104 5.43 -11.05 7.57
C ALA B 104 6.60 -10.11 7.83
N GLU B 105 7.82 -10.61 7.70
CA GLU B 105 9.00 -9.78 7.77
C GLU B 105 9.56 -9.57 6.37
N SER B 106 10.19 -8.43 6.15
CA SER B 106 10.79 -8.16 4.85
C SER B 106 11.90 -7.14 5.04
N ASP B 107 12.80 -7.12 4.08
CA ASP B 107 13.88 -6.14 4.07
C ASP B 107 13.52 -4.84 3.36
N LEU B 108 12.37 -4.80 2.68
CA LEU B 108 11.86 -3.65 1.96
C LEU B 108 10.33 -3.60 2.07
N ASP B 109 9.77 -2.41 1.84
CA ASP B 109 8.33 -2.27 1.69
C ASP B 109 7.95 -2.66 0.26
N TYR B 110 7.12 -3.68 0.15
CA TYR B 110 6.61 -4.10 -1.15
C TYR B 110 5.37 -3.33 -1.60
N GLY B 111 4.89 -2.40 -0.78
CA GLY B 111 3.86 -1.50 -1.24
C GLY B 111 2.52 -2.20 -1.35
N THR B 112 1.90 -2.06 -2.52
CA THR B 112 0.59 -2.67 -2.79
C THR B 112 0.69 -4.13 -3.21
N ASN B 113 1.88 -4.66 -3.40
CA ASN B 113 1.98 -6.08 -3.68
C ASN B 113 1.74 -6.81 -2.36
N PHE B 114 0.56 -7.36 -2.20
CA PHE B 114 0.23 -8.12 -1.02
C PHE B 114 0.18 -9.57 -1.48
N GLN B 115 1.15 -10.35 -1.04
CA GLN B 115 1.12 -11.78 -1.33
C GLN B 115 0.97 -12.49 0.00
N LYS B 116 -0.24 -13.00 0.23
CA LYS B 116 -0.54 -13.70 1.46
C LYS B 116 0.39 -14.88 1.68
N ARG B 117 1.11 -15.32 0.64
CA ARG B 117 2.02 -16.44 0.78
C ARG B 117 3.22 -16.10 1.66
N LEU B 118 3.53 -14.82 1.83
CA LEU B 118 4.62 -14.45 2.72
C LEU B 118 4.19 -14.35 4.17
N PHE B 119 2.92 -14.50 4.48
CA PHE B 119 2.45 -14.26 5.82
C PHE B 119 2.38 -15.55 6.61
N THR B 120 2.93 -15.47 7.82
CA THR B 120 3.06 -16.57 8.76
C THR B 120 1.96 -16.42 9.80
N LYS B 121 1.30 -17.51 10.11
CA LYS B 121 0.22 -17.43 11.06
C LYS B 121 0.76 -17.24 12.48
N ILE B 122 0.19 -16.27 13.19
CA ILE B 122 0.45 -16.11 14.63
C ILE B 122 -0.56 -16.88 15.48
N ASP B 123 -1.86 -16.64 15.26
CA ASP B 123 -2.87 -17.36 16.06
C ASP B 123 -4.26 -17.17 15.46
N THR B 124 -5.16 -18.08 15.81
CA THR B 124 -6.57 -17.79 15.66
C THR B 124 -7.01 -16.99 16.87
N ILE B 125 -7.60 -15.83 16.60
CA ILE B 125 -8.05 -14.91 17.65
C ILE B 125 -9.53 -15.17 17.92
N ALA B 126 -9.81 -15.53 19.18
CA ALA B 126 -11.16 -15.79 19.64
C ALA B 126 -11.54 -14.80 20.73
N PRO B 127 -12.79 -14.32 20.73
CA PRO B 127 -13.19 -13.33 21.73
C PRO B 127 -13.53 -13.99 23.05
N ASP B 128 -13.06 -13.38 24.15
CA ASP B 128 -13.55 -13.82 25.46
C ASP B 128 -15.04 -13.52 25.63
N GLU B 129 -15.53 -12.43 25.03
CA GLU B 129 -16.92 -12.00 25.21
C GLU B 129 -17.51 -11.65 23.86
N ILE B 130 -18.61 -12.30 23.52
N ILE B 130 -18.61 -12.31 23.50
CA ILE B 130 -19.37 -12.04 22.30
CA ILE B 130 -19.36 -12.03 22.28
C ILE B 130 -20.36 -10.91 22.58
C ILE B 130 -20.35 -10.91 22.57
N THR B 131 -20.54 -10.03 21.60
CA THR B 131 -21.56 -8.99 21.69
C THR B 131 -22.88 -9.57 21.15
N VAL B 132 -23.85 -9.80 22.03
CA VAL B 132 -25.15 -10.37 21.70
C VAL B 132 -26.14 -9.27 21.30
N SER B 133 -27.29 -9.66 20.73
CA SER B 133 -28.17 -8.69 20.09
C SER B 133 -28.60 -7.61 21.06
N SER B 134 -28.97 -7.98 22.28
CA SER B 134 -29.43 -6.98 23.24
C SER B 134 -28.31 -6.01 23.65
N ASP B 135 -27.07 -6.48 23.69
CA ASP B 135 -25.91 -5.57 23.88
C ASP B 135 -25.88 -4.54 22.75
N PHE B 136 -25.79 -5.05 21.51
CA PHE B 136 -25.70 -4.21 20.31
C PHE B 136 -26.84 -3.20 20.28
N GLU B 137 -28.07 -3.66 20.53
CA GLU B 137 -29.25 -2.81 20.43
C GLU B 137 -29.27 -1.75 21.52
N ALA B 138 -28.61 -1.99 22.65
CA ALA B 138 -28.46 -0.97 23.67
C ALA B 138 -27.21 -0.12 23.45
N ARG B 139 -26.49 -0.36 22.35
CA ARG B 139 -25.26 0.36 22.02
C ARG B 139 -24.18 0.18 23.08
N HIS B 140 -23.98 -1.08 23.52
CA HIS B 140 -23.04 -1.40 24.59
C HIS B 140 -22.28 -2.69 24.26
N VAL B 141 -21.34 -2.58 23.32
CA VAL B 141 -20.57 -3.73 22.89
C VAL B 141 -19.67 -4.24 24.02
N LYS B 142 -19.25 -5.50 23.88
CA LYS B 142 -18.25 -6.09 24.75
C LYS B 142 -16.91 -6.02 24.03
N LEU B 143 -15.97 -5.27 24.58
CA LEU B 143 -14.65 -5.09 23.99
C LEU B 143 -13.66 -6.15 24.49
N ASN B 144 -13.01 -6.85 23.58
CA ASN B 144 -12.01 -7.85 23.90
C ASN B 144 -10.62 -7.27 23.72
N VAL B 145 -9.66 -7.79 24.50
CA VAL B 145 -8.26 -7.39 24.45
C VAL B 145 -7.42 -8.66 24.44
N GLU B 146 -6.60 -8.85 23.42
CA GLU B 146 -5.71 -9.99 23.32
C GLU B 146 -4.32 -9.50 22.95
N GLU B 147 -3.29 -10.08 23.56
CA GLU B 147 -1.92 -9.75 23.21
C GLU B 147 -1.16 -11.01 22.81
N ARG B 148 -0.36 -10.89 21.74
CA ARG B 148 0.52 -11.96 21.29
C ARG B 148 1.91 -11.37 21.03
N SER B 149 2.94 -12.21 21.18
CA SER B 149 4.31 -11.83 20.91
C SER B 149 4.95 -12.72 19.85
N VAL B 150 5.83 -12.12 19.06
CA VAL B 150 6.61 -12.81 18.04
C VAL B 150 8.01 -12.26 18.03
N GLY B 151 8.93 -13.08 17.54
CA GLY B 151 10.31 -12.66 17.46
C GLY B 151 11.23 -13.67 18.09
N PRO B 152 12.53 -13.38 18.13
CA PRO B 152 13.08 -12.09 17.71
C PRO B 152 13.00 -11.85 16.19
N LEU B 153 12.64 -10.63 15.81
CA LEU B 153 12.64 -10.21 14.41
C LEU B 153 14.06 -10.14 13.90
N THR B 154 14.23 -10.44 12.60
CA THR B 154 15.56 -10.52 12.00
C THR B 154 15.71 -9.78 10.67
N ARG B 155 14.67 -9.13 10.16
CA ARG B 155 14.75 -8.38 8.90
C ARG B 155 14.64 -6.89 9.22
N LYS B 156 14.53 -6.05 8.20
CA LYS B 156 14.44 -4.60 8.41
C LYS B 156 13.07 -4.15 8.92
N GLY B 157 11.98 -4.81 8.53
CA GLY B 157 10.66 -4.32 8.92
C GLY B 157 9.68 -5.47 8.85
N PHE B 158 8.41 -5.15 9.11
CA PHE B 158 7.37 -6.18 9.14
C PHE B 158 6.00 -5.56 8.88
N TYR B 159 5.05 -6.46 8.58
CA TYR B 159 3.62 -6.20 8.46
C TYR B 159 2.87 -7.13 9.38
N LEU B 160 1.67 -6.70 9.80
CA LEU B 160 0.66 -7.61 10.31
C LEU B 160 -0.42 -7.82 9.26
N ALA B 161 -1.11 -8.95 9.33
CA ALA B 161 -2.32 -9.10 8.53
C ALA B 161 -3.40 -9.85 9.31
N PHE B 162 -4.65 -9.59 8.91
CA PHE B 162 -5.87 -10.16 9.48
C PHE B 162 -6.69 -10.83 8.38
N GLN B 163 -7.07 -12.08 8.61
CA GLN B 163 -7.87 -12.85 7.68
C GLN B 163 -9.21 -13.10 8.34
N ASP B 164 -10.27 -12.69 7.64
CA ASP B 164 -11.64 -12.96 8.02
C ASP B 164 -12.19 -14.11 7.17
N ILE B 165 -12.88 -15.04 7.84
CA ILE B 165 -13.47 -16.23 7.22
C ILE B 165 -14.99 -16.21 7.31
N GLY B 166 -15.57 -15.08 7.67
CA GLY B 166 -17.01 -14.92 7.74
C GLY B 166 -17.51 -14.54 9.10
N ALA B 167 -16.74 -13.74 9.86
CA ALA B 167 -17.14 -13.27 11.19
C ALA B 167 -17.63 -11.84 11.08
N CYS B 168 -18.14 -11.33 12.17
CA CYS B 168 -18.65 -9.95 12.22
C CYS B 168 -17.78 -9.25 13.27
N VAL B 169 -16.70 -8.65 12.79
CA VAL B 169 -15.59 -8.20 13.63
C VAL B 169 -15.37 -6.71 13.40
N ALA B 170 -15.14 -6.00 14.50
CA ALA B 170 -14.67 -4.62 14.45
C ALA B 170 -13.33 -4.51 15.20
N LEU B 171 -12.27 -4.16 14.47
CA LEU B 171 -10.94 -3.93 15.04
C LEU B 171 -10.82 -2.47 15.45
N LEU B 172 -10.78 -2.21 16.75
CA LEU B 172 -10.77 -0.86 17.28
C LEU B 172 -9.38 -0.36 17.69
N SER B 173 -8.46 -1.25 18.02
CA SER B 173 -7.12 -0.83 18.40
C SER B 173 -6.17 -1.92 17.93
N VAL B 174 -5.06 -1.52 17.33
CA VAL B 174 -3.98 -2.42 16.99
C VAL B 174 -2.70 -1.71 17.41
N ARG B 175 -2.03 -2.21 18.44
CA ARG B 175 -0.82 -1.57 18.98
C ARG B 175 0.35 -2.54 18.94
N VAL B 176 1.47 -2.14 18.32
CA VAL B 176 2.66 -2.96 18.33
C VAL B 176 3.76 -2.19 19.04
N TYR B 177 4.42 -2.85 19.98
CA TYR B 177 5.47 -2.17 20.73
C TYR B 177 6.56 -3.16 21.06
N TYR B 178 7.71 -2.64 21.48
CA TYR B 178 8.74 -3.46 22.10
C TYR B 178 9.18 -2.81 23.43
N LYS B 179 9.92 -3.59 24.19
CA LYS B 179 10.41 -3.19 25.51
C LYS B 179 11.90 -2.91 25.39
N LYS B 180 12.28 -1.68 25.68
CA LYS B 180 13.68 -1.29 25.63
C LYS B 180 14.44 -2.00 26.74
N ALA B 181 15.74 -2.20 26.50
CA ALA B 181 16.59 -2.90 27.45
C ALA B 181 16.52 -2.24 28.82
N HIS B 182 16.39 -3.07 29.87
CA HIS B 182 16.25 -2.55 31.23
C HIS B 182 17.57 -1.98 31.79
N HIS B 183 17.47 -0.82 32.47
CA HIS B 183 18.61 -0.14 33.07
C HIS B 183 18.76 -0.61 34.51
N HIS B 184 19.73 -1.51 34.73
CA HIS B 184 19.96 -2.10 36.06
C HIS B 184 20.48 -1.04 37.04
N TRP C 2 -4.01 2.30 -27.26
CA TRP C 2 -2.59 2.53 -27.55
C TRP C 2 -1.68 1.99 -26.43
N LEU C 3 -0.57 1.38 -26.80
CA LEU C 3 0.42 0.85 -25.86
C LEU C 3 1.62 1.78 -25.76
N ALA C 4 2.09 2.00 -24.53
CA ALA C 4 3.30 2.81 -24.36
C ALA C 4 4.55 2.07 -24.80
N TYR C 5 4.56 0.73 -24.72
CA TYR C 5 5.73 -0.10 -24.97
C TYR C 5 5.33 -1.28 -25.84
N PRO C 6 6.11 -1.62 -26.86
CA PRO C 6 5.71 -2.72 -27.77
C PRO C 6 5.52 -4.06 -27.06
N ASP C 7 4.52 -4.81 -27.50
CA ASP C 7 4.32 -6.19 -27.07
C ASP C 7 4.29 -6.30 -25.56
N SER C 8 3.71 -5.30 -24.90
CA SER C 8 3.59 -5.34 -23.46
C SER C 8 2.15 -5.66 -23.11
N VAL C 9 1.98 -6.39 -22.01
CA VAL C 9 0.67 -6.79 -21.51
C VAL C 9 0.64 -6.59 -20.00
N PRO C 10 -0.55 -6.40 -19.43
CA PRO C 10 -0.63 -6.20 -17.99
C PRO C 10 -0.03 -7.37 -17.26
N TYR C 11 0.63 -7.09 -16.15
CA TYR C 11 1.24 -8.12 -15.32
C TYR C 11 0.58 -8.12 -13.96
N SER C 12 -0.04 -9.22 -13.59
CA SER C 12 -0.67 -9.30 -12.27
C SER C 12 -0.90 -10.76 -11.83
N BAL D 1 -23.59 -2.75 4.67
CB BAL D 1 -24.91 -3.31 4.37
CA BAL D 1 -24.95 -4.73 4.97
C BAL D 1 -25.01 -4.72 6.47
O BAL D 1 -25.20 -3.72 7.13
H1 BAL D 1 -23.65 -1.81 5.05
H2 BAL D 1 -22.96 -2.77 3.88
HB3 BAL D 1 -25.71 -2.68 4.78
HB2 BAL D 1 -25.09 -3.34 3.30
HA1 BAL D 1 -25.81 -5.27 4.59
HA2 BAL D 1 -24.09 -5.30 4.65
N TRP D 2 -24.84 -5.91 7.05
CA TRP D 2 -24.84 -6.03 8.52
C TRP D 2 -23.72 -5.18 9.15
N LEU D 3 -23.97 -4.54 10.28
CA LEU D 3 -22.96 -3.69 10.92
C LEU D 3 -22.24 -4.44 12.01
N ALA D 4 -20.90 -4.36 12.02
CA ALA D 4 -20.11 -4.94 13.11
C ALA D 4 -20.14 -4.09 14.38
N TYR D 5 -20.42 -2.80 14.27
CA TYR D 5 -20.33 -1.88 15.40
C TYR D 5 -21.52 -0.93 15.35
N PRO D 6 -22.18 -0.68 16.46
CA PRO D 6 -23.39 0.15 16.40
C PRO D 6 -23.12 1.50 15.77
N ASP D 7 -24.10 1.99 15.00
CA ASP D 7 -24.09 3.37 14.51
C ASP D 7 -22.81 3.70 13.76
N SER D 8 -22.27 2.74 13.02
CA SER D 8 -21.03 2.96 12.31
C SER D 8 -21.31 3.17 10.83
N VAL D 9 -20.49 4.02 10.22
CA VAL D 9 -20.64 4.40 8.81
C VAL D 9 -19.27 4.42 8.15
N PRO D 10 -19.23 4.30 6.82
CA PRO D 10 -17.94 4.34 6.13
C PRO D 10 -17.18 5.62 6.42
N TYR D 11 -15.85 5.49 6.48
CA TYR D 11 -14.95 6.59 6.78
C TYR D 11 -15.16 7.73 5.80
N SER D 12 -15.48 8.91 6.34
CA SER D 12 -15.69 10.13 5.58
C SER D 12 -14.39 10.74 5.05
C11 BTN E . -2.75 -7.55 -4.03
O11 BTN E . -1.75 -8.15 -4.47
C10 BTN E . -3.16 -6.24 -4.67
C9 BTN E . -4.04 -5.42 -3.73
C8 BTN E . -4.23 -4.02 -4.29
C7 BTN E . -5.15 -3.19 -3.41
C2 BTN E . -5.49 -1.83 -4.02
S1 BTN E . -4.20 -0.76 -3.98
C6 BTN E . -5.14 0.70 -3.47
C5 BTN E . -6.48 0.23 -2.95
N1 BTN E . -6.57 0.24 -1.49
C3 BTN E . -6.81 -0.98 -0.99
O3 BTN E . -7.01 -1.24 0.36
N2 BTN E . -6.81 -1.89 -1.96
C4 BTN E . -6.67 -1.25 -3.25
H101 BTN E . -3.69 -6.44 -5.59
H102 BTN E . -2.27 -5.67 -4.91
H91 BTN E . -3.58 -5.37 -2.74
H92 BTN E . -5.01 -5.90 -3.63
H81 BTN E . -3.26 -3.52 -4.35
H82 BTN E . -4.64 -4.07 -5.29
H71 BTN E . -4.68 -3.04 -2.44
H72 BTN E . -6.08 -3.75 -3.25
H2 BTN E . -5.73 -1.95 -5.06
H61 BTN E . -4.60 1.25 -2.70
H62 BTN E . -5.28 1.36 -4.33
H5 BTN E . -7.19 0.91 -3.39
HN1 BTN E . -6.48 1.05 -0.96
HN2 BTN E . -6.91 -2.84 -1.82
H4 BTN E . -7.53 -1.42 -3.89
#